data_6ULF
#
_entry.id   6ULF
#
_cell.length_a   61.536
_cell.length_b   76.084
_cell.length_c   63.247
_cell.angle_alpha   90.000
_cell.angle_beta   98.321
_cell.angle_gamma   90.000
#
_symmetry.space_group_name_H-M   'P 1 21 1'
#
loop_
_entity.id
_entity.type
_entity.pdbx_description
1 polymer '4498 Fab heavy chain'
2 polymer '4498 Fab light chain'
3 polymer 'anti Kappa VHH domain'
4 polymer 'Circumsporozoite protein'
5 water water
#
loop_
_entity_poly.entity_id
_entity_poly.type
_entity_poly.pdbx_seq_one_letter_code
_entity_poly.pdbx_strand_id
1 'polypeptide(L)'
;QVQLVESGGGVVQPGRSLRLSCAASGFTFSIYGMHWVRQAPGKGLEWVALIWYDGTNKYYTDSVKGRFTISRDNSKNTLF
LQMNSVRAEDTAVYYCARDAHYSDSSGYSSWGYFDYWGQGSLVTVSSASTKGPSVFPLAPSSKSTSGGTAALGCLVKDYF
PEPVTVSWNSGALTSGVHTFPAVLQSSGLYSLSSVVTVPSSSLGTQTYICNVNHKPSNTKVDKKVEPKSC
;
A
2 'polypeptide(L)'
;EIVLTQSPATLSLSPGERATLSCRASQSVSSYLAWYQQKPGQAPRLLIFDASIRATGIPARFSGSGSGTDFTLTISSLEP
EDFAVYYCQQRSNWYTFGQGTKLEIKRTVAAPSVFIFPPSDEQLKSGTASVVCLLNNFYPREAKVQWKVDNALQSGNSQE
SVTEQDSKDSTYSLSSTLTLSKADYEKHKVYACEVTHQGLSSPVTKSFNRGEC
;
B
3 'polypeptide(L)'
;(UNK)VQL(UNK)(UNK)SGGG(UNK)VQ(UNK)G(UNK)SL(UNK)LSC(UNK)A(UNK)(UNK)(UNK)(UNK)
(UNK)(UNK)(UNK)(UNK)(UNK)(UNK)(UNK)W(UNK)RQ(UNK)PG(UNK)(UNK)RE(UNK)V(UNK)(UNK)
(UNK)(UNK)(UNK)(UNK)(UNK)(UNK)(UNK)(UNK)(UNK)(UNK)(UNK)DS(UNK)(UNK)GRFT(UNK)S
(UNK)D(UNK)(UNK)(UNK)(UNK)(UNK)(UNK)(UNK)LQ(UNK)(UNK)(UNK)L(UNK)(UNK)(UNK)D(UNK)
A(UNK)YYC(UNK)(UNK)(UNK)(UNK)(UNK)(UNK)(UNK)(UNK)(UNK)(UNK)(UNK)(UNK)(UNK)(UNK)W
G(UNK)GT(UNK)VTVSS
;
K
4 'polypeptide(L)' NANPNVDPNANP P
#
# COMPACT_ATOMS: atom_id res chain seq x y z
N GLN A 1 -21.26 -10.57 -2.56
CA GLN A 1 -20.76 -10.59 -3.94
C GLN A 1 -20.52 -9.18 -4.48
N VAL A 2 -20.61 -8.18 -3.58
CA VAL A 2 -20.49 -6.80 -3.99
C VAL A 2 -19.12 -6.56 -4.61
N GLN A 3 -19.12 -5.95 -5.81
CA GLN A 3 -17.90 -5.59 -6.51
C GLN A 3 -18.07 -4.20 -7.07
N LEU A 4 -17.02 -3.38 -6.95
CA LEU A 4 -16.98 -2.07 -7.56
C LEU A 4 -15.65 -1.98 -8.28
N VAL A 5 -15.68 -1.94 -9.61
CA VAL A 5 -14.46 -2.01 -10.42
C VAL A 5 -14.29 -0.67 -11.12
N GLU A 6 -13.23 0.04 -10.77
CA GLU A 6 -13.01 1.35 -11.36
C GLU A 6 -12.11 1.27 -12.57
N SER A 7 -12.26 2.26 -13.44
CA SER A 7 -11.41 2.42 -14.61
C SER A 7 -11.42 3.88 -14.99
N GLY A 8 -10.48 4.25 -15.86
CA GLY A 8 -10.45 5.61 -16.39
C GLY A 8 -9.36 6.49 -15.83
N GLY A 9 -8.62 6.04 -14.83
CA GLY A 9 -7.56 6.84 -14.26
C GLY A 9 -6.34 6.91 -15.16
N GLY A 10 -5.39 7.70 -14.74
CA GLY A 10 -4.14 7.83 -15.45
C GLY A 10 -3.58 9.21 -15.25
N VAL A 11 -2.63 9.57 -16.10
CA VAL A 11 -1.97 10.86 -16.03
C VAL A 11 -2.74 11.84 -16.91
N VAL A 12 -3.09 13.00 -16.35
CA VAL A 12 -3.76 14.07 -17.08
C VAL A 12 -3.02 15.38 -16.83
N GLN A 13 -2.90 16.22 -17.88
CA GLN A 13 -2.26 17.52 -17.73
C GLN A 13 -3.23 18.49 -17.06
N PRO A 14 -2.72 19.46 -16.29
CA PRO A 14 -3.61 20.39 -15.59
C PRO A 14 -4.50 21.13 -16.58
N GLY A 15 -5.74 21.36 -16.17
CA GLY A 15 -6.71 22.03 -17.01
C GLY A 15 -7.49 21.10 -17.92
N ARG A 16 -7.01 19.87 -18.12
CA ARG A 16 -7.67 18.93 -19.00
C ARG A 16 -8.76 18.18 -18.24
N SER A 17 -9.40 17.23 -18.91
CA SER A 17 -10.51 16.48 -18.35
C SER A 17 -10.20 15.00 -18.36
N LEU A 18 -10.87 14.28 -17.46
CA LEU A 18 -10.72 12.85 -17.29
C LEU A 18 -12.01 12.34 -16.68
N ARG A 19 -12.46 11.17 -17.12
CA ARG A 19 -13.70 10.58 -16.61
C ARG A 19 -13.39 9.24 -15.96
N LEU A 20 -13.76 9.11 -14.71
CA LEU A 20 -13.63 7.85 -13.99
C LEU A 20 -14.93 7.07 -14.07
N SER A 21 -14.81 5.76 -14.15
CA SER A 21 -15.95 4.85 -14.18
C SER A 21 -15.86 3.91 -12.98
N CYS A 22 -17.03 3.52 -12.48
CA CYS A 22 -17.10 2.58 -11.36
C CYS A 22 -18.23 1.62 -11.72
N ALA A 23 -17.85 0.42 -12.14
CA ALA A 23 -18.81 -0.59 -12.59
C ALA A 23 -19.15 -1.51 -11.42
N ALA A 24 -20.44 -1.61 -11.14
CA ALA A 24 -20.93 -2.34 -9.97
C ALA A 24 -21.50 -3.69 -10.37
N SER A 25 -21.24 -4.69 -9.53
CA SER A 25 -21.81 -6.02 -9.71
C SER A 25 -22.06 -6.62 -8.33
N GLY A 26 -22.92 -7.62 -8.30
CA GLY A 26 -23.16 -8.38 -7.09
C GLY A 26 -24.09 -7.71 -6.09
N PHE A 27 -24.75 -6.62 -6.47
CA PHE A 27 -25.78 -6.01 -5.65
C PHE A 27 -26.68 -5.18 -6.56
N THR A 28 -27.78 -4.70 -6.00
CA THR A 28 -28.75 -3.92 -6.76
C THR A 28 -28.26 -2.48 -6.78
N PHE A 29 -27.49 -2.16 -7.81
CA PHE A 29 -26.86 -0.86 -7.91
C PHE A 29 -27.86 0.29 -7.78
N SER A 30 -29.03 0.13 -8.40
CA SER A 30 -29.95 1.25 -8.58
C SER A 30 -30.73 1.62 -7.32
N ILE A 31 -30.53 0.93 -6.20
CA ILE A 31 -31.22 1.32 -4.96
C ILE A 31 -30.25 1.92 -3.95
N TYR A 32 -28.99 2.15 -4.33
CA TYR A 32 -27.98 2.68 -3.42
C TYR A 32 -27.50 4.05 -3.86
N GLY A 33 -27.42 4.97 -2.90
CA GLY A 33 -26.58 6.14 -3.09
C GLY A 33 -25.13 5.72 -3.26
N MET A 34 -24.37 6.53 -4.00
CA MET A 34 -22.99 6.21 -4.32
C MET A 34 -22.11 7.45 -4.13
N HIS A 35 -20.89 7.23 -3.66
CA HIS A 35 -19.96 8.31 -3.33
C HIS A 35 -18.65 8.14 -4.10
N TRP A 36 -17.95 9.26 -4.23
CA TRP A 36 -16.52 9.24 -4.53
C TRP A 36 -15.78 9.83 -3.34
N VAL A 37 -14.68 9.17 -2.98
CA VAL A 37 -13.79 9.56 -1.89
C VAL A 37 -12.38 9.43 -2.45
N ARG A 38 -11.49 10.38 -2.13
CA ARG A 38 -10.15 10.34 -2.69
C ARG A 38 -9.10 10.37 -1.59
N GLN A 39 -7.91 9.91 -1.96
CA GLN A 39 -6.80 9.82 -1.02
C GLN A 39 -5.54 10.26 -1.75
N ALA A 40 -5.04 11.46 -1.42
CA ALA A 40 -3.82 11.93 -2.04
C ALA A 40 -2.65 11.06 -1.55
N PRO A 41 -1.56 10.97 -2.31
CA PRO A 41 -0.46 10.07 -1.91
C PRO A 41 0.07 10.42 -0.52
N GLY A 42 0.05 9.42 0.36
CA GLY A 42 0.55 9.59 1.71
C GLY A 42 -0.34 10.39 2.63
N LYS A 43 -1.57 10.69 2.24
CA LYS A 43 -2.49 11.48 3.03
C LYS A 43 -3.72 10.64 3.42
N GLY A 44 -4.68 11.30 4.05
CA GLY A 44 -5.89 10.64 4.51
C GLY A 44 -6.98 10.66 3.45
N LEU A 45 -8.19 10.35 3.89
CA LEU A 45 -9.34 10.22 3.02
C LEU A 45 -10.13 11.52 2.99
N GLU A 46 -10.58 11.90 1.79
CA GLU A 46 -11.38 13.09 1.61
C GLU A 46 -12.61 12.75 0.78
N TRP A 47 -13.79 12.96 1.37
CA TRP A 47 -15.02 12.77 0.62
C TRP A 47 -15.10 13.80 -0.51
N VAL A 48 -15.54 13.34 -1.68
CA VAL A 48 -15.58 14.17 -2.88
C VAL A 48 -17.01 14.50 -3.30
N ALA A 49 -17.85 13.47 -3.46
CA ALA A 49 -19.18 13.73 -4.00
C ALA A 49 -20.10 12.54 -3.70
N LEU A 50 -21.40 12.82 -3.73
CA LEU A 50 -22.44 11.84 -3.50
C LEU A 50 -23.54 12.00 -4.55
N ILE A 51 -24.12 10.87 -4.97
CA ILE A 51 -25.28 10.90 -5.86
C ILE A 51 -26.34 9.93 -5.33
N TRP A 52 -27.57 10.38 -5.29
CA TRP A 52 -28.69 9.54 -4.87
C TRP A 52 -28.87 8.33 -5.78
N TYR A 53 -29.57 7.32 -5.26
CA TYR A 53 -29.80 6.09 -6.01
C TYR A 53 -30.41 6.38 -7.38
N ASP A 54 -31.32 7.35 -7.46
CA ASP A 54 -32.09 7.63 -8.66
C ASP A 54 -31.49 8.76 -9.48
N GLY A 55 -30.28 9.22 -9.13
CA GLY A 55 -29.60 10.27 -9.86
C GLY A 55 -30.12 11.66 -9.63
N THR A 56 -31.11 11.84 -8.77
CA THR A 56 -31.73 13.15 -8.61
C THR A 56 -30.77 14.12 -7.92
N ASN A 57 -30.50 13.89 -6.65
CA ASN A 57 -29.68 14.81 -5.87
C ASN A 57 -28.20 14.47 -6.00
N LYS A 58 -27.38 15.51 -6.03
CA LYS A 58 -25.93 15.37 -6.11
C LYS A 58 -25.31 16.42 -5.21
N TYR A 59 -24.24 16.04 -4.52
CA TYR A 59 -23.55 16.93 -3.57
C TYR A 59 -22.05 16.80 -3.77
N TYR A 60 -21.35 17.91 -3.54
CA TYR A 60 -19.92 17.99 -3.82
C TYR A 60 -19.18 18.69 -2.70
N THR A 61 -17.94 18.29 -2.49
CA THR A 61 -17.08 19.07 -1.61
C THR A 61 -16.65 20.34 -2.34
N ASP A 62 -16.40 21.40 -1.56
CA ASP A 62 -16.25 22.72 -2.16
C ASP A 62 -15.10 22.77 -3.17
N SER A 63 -13.99 22.08 -2.88
CA SER A 63 -12.81 22.23 -3.73
C SER A 63 -13.00 21.65 -5.12
N VAL A 64 -14.04 20.85 -5.35
CA VAL A 64 -14.32 20.33 -6.67
C VAL A 64 -15.61 20.87 -7.28
N LYS A 65 -16.42 21.59 -6.49
CA LYS A 65 -17.68 22.10 -7.00
C LYS A 65 -17.45 23.01 -8.20
N GLY A 66 -18.23 22.81 -9.26
CA GLY A 66 -18.07 23.55 -10.49
C GLY A 66 -17.04 22.98 -11.45
N ARG A 67 -16.25 22.01 -11.01
CA ARG A 67 -15.25 21.35 -11.86
C ARG A 67 -15.54 19.86 -12.05
N PHE A 68 -15.99 19.17 -11.02
CA PHE A 68 -16.31 17.75 -11.11
C PHE A 68 -17.81 17.57 -11.17
N THR A 69 -18.26 16.58 -11.94
CA THR A 69 -19.67 16.23 -12.02
C THR A 69 -19.83 14.75 -11.74
N ILE A 70 -20.73 14.41 -10.84
CA ILE A 70 -21.04 13.01 -10.56
C ILE A 70 -22.30 12.63 -11.32
N SER A 71 -22.35 11.40 -11.81
CA SER A 71 -23.51 10.93 -12.55
C SER A 71 -23.53 9.41 -12.46
N ARG A 72 -24.65 8.83 -12.87
CA ARG A 72 -24.73 7.38 -12.89
C ARG A 72 -25.59 6.92 -14.04
N ASP A 73 -25.31 5.71 -14.51
CA ASP A 73 -26.14 5.05 -15.51
C ASP A 73 -26.58 3.74 -14.88
N ASN A 74 -27.76 3.75 -14.27
CA ASN A 74 -28.25 2.55 -13.60
C ASN A 74 -28.48 1.39 -14.57
N SER A 75 -28.83 1.68 -15.82
CA SER A 75 -29.03 0.58 -16.78
C SER A 75 -27.74 -0.15 -17.08
N LYS A 76 -26.59 0.47 -16.86
CA LYS A 76 -25.27 -0.14 -17.04
C LYS A 76 -24.56 -0.38 -15.72
N ASN A 77 -25.24 -0.20 -14.59
CA ASN A 77 -24.66 -0.40 -13.27
C ASN A 77 -23.33 0.36 -13.10
N THR A 78 -23.27 1.59 -13.62
CA THR A 78 -22.02 2.33 -13.60
C THR A 78 -22.19 3.71 -12.96
N LEU A 79 -21.23 4.06 -12.11
CA LEU A 79 -21.09 5.38 -11.51
C LEU A 79 -19.94 6.13 -12.18
N PHE A 80 -20.13 7.42 -12.43
CA PHE A 80 -19.14 8.23 -13.12
C PHE A 80 -18.70 9.42 -12.27
N LEU A 81 -17.45 9.83 -12.48
CA LEU A 81 -16.96 11.11 -11.99
C LEU A 81 -16.28 11.79 -13.18
N GLN A 82 -16.90 12.84 -13.69
CA GLN A 82 -16.31 13.66 -14.73
C GLN A 82 -15.46 14.73 -14.05
N MET A 83 -14.15 14.71 -14.29
CA MET A 83 -13.21 15.63 -13.66
C MET A 83 -12.76 16.63 -14.71
N ASN A 84 -13.22 17.87 -14.60
CA ASN A 84 -12.84 18.93 -15.51
C ASN A 84 -11.92 19.92 -14.81
N SER A 85 -11.17 20.65 -15.62
CA SER A 85 -10.24 21.68 -15.14
C SER A 85 -9.38 21.15 -13.99
N VAL A 86 -8.81 19.97 -14.18
CA VAL A 86 -8.09 19.33 -13.09
C VAL A 86 -6.88 20.17 -12.66
N ARG A 87 -6.54 20.04 -11.38
CA ARG A 87 -5.42 20.72 -10.76
C ARG A 87 -4.49 19.69 -10.16
N ALA A 88 -3.23 20.10 -9.93
CA ALA A 88 -2.24 19.19 -9.36
C ALA A 88 -2.73 18.60 -8.05
N GLU A 89 -3.40 19.41 -7.23
CA GLU A 89 -3.91 18.96 -5.94
C GLU A 89 -5.05 17.96 -6.06
N ASP A 90 -5.56 17.73 -7.27
CA ASP A 90 -6.53 16.66 -7.48
C ASP A 90 -5.85 15.30 -7.57
N THR A 91 -4.52 15.26 -7.57
CA THR A 91 -3.81 13.99 -7.64
C THR A 91 -4.17 13.15 -6.43
N ALA A 92 -4.65 11.95 -6.70
CA ALA A 92 -5.15 11.11 -5.61
C ALA A 92 -5.54 9.76 -6.18
N VAL A 93 -5.64 8.78 -5.30
CA VAL A 93 -6.42 7.59 -5.60
C VAL A 93 -7.88 7.92 -5.37
N TYR A 94 -8.71 7.69 -6.38
CA TYR A 94 -10.14 7.96 -6.30
C TYR A 94 -10.86 6.64 -6.09
N TYR A 95 -11.66 6.56 -5.03
CA TYR A 95 -12.48 5.40 -4.76
C TYR A 95 -13.95 5.75 -4.98
N CYS A 96 -14.68 4.82 -5.58
CA CYS A 96 -16.12 4.87 -5.47
C CYS A 96 -16.50 4.05 -4.24
N ALA A 97 -17.59 4.44 -3.61
CA ALA A 97 -18.01 3.74 -2.41
C ALA A 97 -19.51 3.76 -2.35
N ARG A 98 -20.08 2.64 -1.92
CA ARG A 98 -21.51 2.51 -1.75
C ARG A 98 -21.93 3.13 -0.42
N ASP A 99 -23.05 3.87 -0.45
CA ASP A 99 -23.60 4.35 0.80
C ASP A 99 -24.18 3.19 1.59
N ALA A 100 -23.75 3.05 2.83
CA ALA A 100 -24.10 1.90 3.66
C ALA A 100 -25.51 2.09 4.21
N HIS A 101 -26.49 1.43 3.58
CA HIS A 101 -27.88 1.52 3.99
C HIS A 101 -28.18 0.31 4.88
N TYR A 102 -28.50 0.59 6.14
CA TYR A 102 -28.73 -0.46 7.13
C TYR A 102 -30.08 -0.23 7.80
N SER A 103 -30.76 -1.33 8.12
CA SER A 103 -32.04 -1.31 8.82
C SER A 103 -32.01 -2.31 9.96
N ASP A 104 -32.40 -1.87 11.16
CA ASP A 104 -32.31 -2.72 12.33
C ASP A 104 -33.60 -3.53 12.50
N SER A 105 -33.72 -4.23 13.63
CA SER A 105 -34.88 -5.11 13.84
C SER A 105 -36.17 -4.32 13.94
N SER A 106 -36.13 -3.12 14.54
CA SER A 106 -37.33 -2.29 14.68
C SER A 106 -37.48 -1.30 13.53
N GLY A 107 -36.80 -1.53 12.40
CA GLY A 107 -37.01 -0.76 11.20
C GLY A 107 -36.26 0.55 11.11
N TYR A 108 -35.46 0.92 12.10
CA TYR A 108 -34.76 2.20 12.03
C TYR A 108 -33.62 2.11 11.03
N SER A 109 -33.50 3.13 10.18
CA SER A 109 -32.53 3.13 9.09
C SER A 109 -31.27 3.90 9.48
N SER A 110 -30.15 3.46 8.92
CA SER A 110 -28.88 4.16 9.04
C SER A 110 -28.28 4.27 7.65
N TRP A 111 -27.43 5.28 7.45
CA TRP A 111 -26.84 5.58 6.16
C TRP A 111 -25.68 6.53 6.38
N GLY A 112 -25.02 6.90 5.29
CA GLY A 112 -23.97 7.90 5.36
C GLY A 112 -22.60 7.36 5.68
N TYR A 113 -22.41 6.05 5.62
CA TYR A 113 -21.11 5.39 5.74
C TYR A 113 -20.80 4.67 4.43
N PHE A 114 -19.59 4.14 4.34
CA PHE A 114 -19.09 3.63 3.07
C PHE A 114 -18.80 2.14 3.26
N ASP A 115 -19.76 1.27 2.90
CA ASP A 115 -19.62 -0.12 3.30
C ASP A 115 -18.90 -0.99 2.28
N TYR A 116 -18.82 -0.56 1.02
CA TYR A 116 -18.04 -1.28 0.03
C TYR A 116 -17.39 -0.26 -0.89
N TRP A 117 -16.19 -0.58 -1.35
CA TRP A 117 -15.33 0.38 -2.02
C TRP A 117 -14.77 -0.23 -3.29
N GLY A 118 -14.56 0.61 -4.29
CA GLY A 118 -13.78 0.22 -5.45
C GLY A 118 -12.32 -0.02 -5.07
N GLN A 119 -11.58 -0.56 -6.02
CA GLN A 119 -10.17 -0.85 -5.80
C GLN A 119 -9.30 0.39 -5.81
N GLY A 120 -9.85 1.52 -6.27
CA GLY A 120 -9.09 2.73 -6.40
C GLY A 120 -8.61 2.93 -7.82
N SER A 121 -8.65 4.19 -8.27
CA SER A 121 -8.14 4.57 -9.57
C SER A 121 -7.24 5.78 -9.36
N LEU A 122 -5.97 5.65 -9.70
CA LEU A 122 -5.01 6.72 -9.46
C LEU A 122 -5.12 7.75 -10.58
N VAL A 123 -5.37 9.00 -10.21
CA VAL A 123 -5.35 10.11 -11.15
C VAL A 123 -4.17 11.00 -10.78
N THR A 124 -3.24 11.16 -11.71
CA THR A 124 -2.05 11.98 -11.50
C THR A 124 -2.21 13.20 -12.38
N VAL A 125 -2.34 14.38 -11.76
CA VAL A 125 -2.47 15.62 -12.50
C VAL A 125 -1.12 16.32 -12.48
N SER A 126 -0.49 16.46 -13.64
CA SER A 126 0.84 17.02 -13.69
C SER A 126 1.11 17.54 -15.09
N SER A 127 1.87 18.62 -15.16
CA SER A 127 2.38 19.13 -16.42
C SER A 127 3.65 18.42 -16.87
N ALA A 128 4.16 17.47 -16.09
CA ALA A 128 5.35 16.74 -16.48
C ALA A 128 5.05 15.82 -17.66
N SER A 129 6.05 15.62 -18.50
CA SER A 129 5.95 14.72 -19.64
C SER A 129 6.65 13.41 -19.34
N THR A 130 6.18 12.36 -20.01
CA THR A 130 6.74 11.02 -19.82
C THR A 130 8.25 11.02 -19.99
N LYS A 131 8.95 10.48 -18.99
CA LYS A 131 10.40 10.51 -18.94
C LYS A 131 10.92 9.28 -18.21
N GLY A 132 11.85 8.57 -18.82
CA GLY A 132 12.53 7.47 -18.17
C GLY A 132 13.51 7.96 -17.13
N PRO A 133 13.87 7.12 -16.18
CA PRO A 133 14.82 7.55 -15.15
C PRO A 133 16.25 7.48 -15.66
N SER A 134 17.09 8.35 -15.08
CA SER A 134 18.53 8.17 -15.18
C SER A 134 18.96 7.28 -14.03
N VAL A 135 19.80 6.28 -14.33
CA VAL A 135 20.16 5.26 -13.36
C VAL A 135 21.63 5.45 -12.98
N PHE A 136 21.89 5.70 -11.69
CA PHE A 136 23.25 5.94 -11.24
C PHE A 136 23.63 4.95 -10.16
N PRO A 137 24.88 4.48 -10.13
CA PRO A 137 25.31 3.57 -9.07
C PRO A 137 25.41 4.27 -7.72
N LEU A 138 25.02 3.56 -6.69
CA LEU A 138 25.34 3.92 -5.30
C LEU A 138 26.46 2.97 -4.92
N ALA A 139 27.71 3.44 -5.04
CA ALA A 139 28.84 2.54 -5.02
C ALA A 139 29.24 2.18 -3.60
N PRO A 140 29.57 0.92 -3.34
CA PRO A 140 29.98 0.53 -1.99
C PRO A 140 31.42 0.92 -1.70
N SER A 141 31.68 1.16 -0.42
CA SER A 141 33.03 1.51 0.02
C SER A 141 33.11 1.26 1.51
N SER A 142 34.24 1.66 2.11
CA SER A 142 34.37 1.60 3.56
C SER A 142 33.35 2.47 4.27
N LYS A 143 32.81 3.48 3.59
CA LYS A 143 31.81 4.37 4.17
C LYS A 143 30.40 3.82 3.99
N SER A 144 30.26 2.69 3.31
CA SER A 144 29.02 1.95 3.24
C SER A 144 29.26 0.51 3.70
N THR A 145 30.10 0.34 4.71
CA THR A 145 30.34 -0.96 5.32
C THR A 145 30.14 -0.81 6.83
N SER A 146 29.23 -1.60 7.38
CA SER A 146 29.02 -1.68 8.82
C SER A 146 29.28 -3.13 9.23
N GLY A 147 30.25 -3.33 10.11
CA GLY A 147 30.66 -4.69 10.42
C GLY A 147 31.25 -5.35 9.18
N GLY A 148 30.80 -6.56 8.90
CA GLY A 148 31.24 -7.28 7.72
C GLY A 148 30.25 -7.21 6.58
N THR A 149 29.35 -6.23 6.64
CA THR A 149 28.30 -6.06 5.65
C THR A 149 28.50 -4.76 4.89
N ALA A 150 28.35 -4.82 3.57
CA ALA A 150 28.42 -3.62 2.75
C ALA A 150 27.05 -3.34 2.14
N ALA A 151 26.73 -2.06 1.98
CA ALA A 151 25.56 -1.66 1.20
C ALA A 151 26.01 -1.07 -0.13
N LEU A 152 25.19 -1.32 -1.14
CA LEU A 152 25.32 -0.74 -2.46
C LEU A 152 23.92 -0.52 -3.01
N GLY A 153 23.83 0.13 -4.17
CA GLY A 153 22.50 0.34 -4.70
C GLY A 153 22.52 1.10 -5.99
N CYS A 154 21.32 1.54 -6.39
CA CYS A 154 21.11 2.32 -7.60
C CYS A 154 20.16 3.47 -7.29
N LEU A 155 20.53 4.66 -7.75
CA LEU A 155 19.66 5.82 -7.67
C LEU A 155 18.92 5.96 -8.99
N VAL A 156 17.59 6.03 -8.90
CA VAL A 156 16.70 5.93 -10.06
C VAL A 156 16.00 7.28 -10.12
N LYS A 157 16.55 8.21 -10.90
CA LYS A 157 16.26 9.63 -10.70
C LYS A 157 15.56 10.23 -11.91
N ASP A 158 14.62 11.14 -11.63
CA ASP A 158 14.03 12.05 -12.61
C ASP A 158 13.22 11.30 -13.67
N TYR A 159 12.26 10.50 -13.21
CA TYR A 159 11.34 9.83 -14.12
C TYR A 159 9.91 10.32 -13.88
N PHE A 160 9.05 10.04 -14.87
CA PHE A 160 7.63 10.37 -14.77
C PHE A 160 6.88 9.54 -15.79
N PRO A 161 5.73 8.98 -15.45
CA PRO A 161 5.15 8.97 -14.11
C PRO A 161 5.61 7.74 -13.34
N GLU A 162 5.03 7.50 -12.18
CA GLU A 162 5.22 6.21 -11.54
C GLU A 162 4.54 5.12 -12.37
N PRO A 163 4.97 3.87 -12.22
CA PRO A 163 6.06 3.40 -11.36
C PRO A 163 7.32 3.00 -12.10
N VAL A 164 8.38 2.76 -11.33
CA VAL A 164 9.53 2.01 -11.79
C VAL A 164 9.61 0.74 -10.96
N THR A 165 10.28 -0.25 -11.51
CA THR A 165 10.65 -1.45 -10.78
C THR A 165 12.16 -1.62 -10.86
N VAL A 166 12.73 -2.17 -9.80
CA VAL A 166 14.16 -2.46 -9.75
C VAL A 166 14.34 -3.91 -9.35
N SER A 167 15.18 -4.63 -10.10
CA SER A 167 15.64 -5.94 -9.68
C SER A 167 17.15 -5.92 -9.56
N TRP A 168 17.70 -6.99 -8.99
CA TRP A 168 19.13 -7.09 -8.79
C TRP A 168 19.63 -8.39 -9.38
N ASN A 169 20.68 -8.30 -10.21
CA ASN A 169 21.28 -9.47 -10.83
C ASN A 169 20.22 -10.31 -11.55
N SER A 170 19.38 -9.61 -12.32
CA SER A 170 18.31 -10.21 -13.13
C SER A 170 17.36 -11.04 -12.28
N GLY A 171 17.23 -10.66 -11.01
CA GLY A 171 16.37 -11.38 -10.09
C GLY A 171 17.05 -12.44 -9.26
N ALA A 172 18.34 -12.70 -9.48
CA ALA A 172 19.04 -13.70 -8.70
C ALA A 172 19.29 -13.23 -7.27
N LEU A 173 19.31 -11.93 -7.04
CA LEU A 173 19.59 -11.34 -5.74
C LEU A 173 18.34 -10.65 -5.24
N THR A 174 17.77 -11.17 -4.14
CA THR A 174 16.54 -10.63 -3.58
C THR A 174 16.70 -10.36 -2.08
N SER A 175 17.55 -11.14 -1.41
CA SER A 175 17.73 -10.99 0.03
C SER A 175 18.40 -9.65 0.35
N GLY A 176 17.86 -8.96 1.34
CA GLY A 176 18.45 -7.70 1.79
C GLY A 176 18.15 -6.49 0.92
N VAL A 177 17.28 -6.63 -0.09
CA VAL A 177 16.95 -5.53 -1.00
C VAL A 177 15.88 -4.65 -0.38
N HIS A 178 16.09 -3.33 -0.46
CA HIS A 178 15.10 -2.33 -0.06
C HIS A 178 14.96 -1.34 -1.20
N THR A 179 13.77 -1.28 -1.79
CA THR A 179 13.50 -0.30 -2.82
C THR A 179 12.55 0.72 -2.23
N PHE A 180 13.02 1.95 -2.12
CA PHE A 180 12.29 2.92 -1.34
C PHE A 180 11.11 3.48 -2.13
N PRO A 181 10.07 3.95 -1.44
CA PRO A 181 9.00 4.69 -2.13
C PRO A 181 9.58 5.91 -2.84
N ALA A 182 9.05 6.18 -4.03
CA ALA A 182 9.49 7.36 -4.75
C ALA A 182 9.12 8.62 -3.99
N VAL A 183 9.89 9.67 -4.22
CA VAL A 183 9.55 11.01 -3.77
C VAL A 183 9.34 11.88 -5.00
N LEU A 184 8.29 12.70 -4.94
CA LEU A 184 8.05 13.70 -5.96
C LEU A 184 8.97 14.89 -5.70
N GLN A 185 9.94 15.12 -6.58
CA GLN A 185 10.84 16.25 -6.43
C GLN A 185 10.15 17.56 -6.79
N SER A 186 10.79 18.67 -6.40
CA SER A 186 10.25 19.99 -6.71
C SER A 186 10.10 20.17 -8.22
N SER A 187 10.91 19.47 -9.01
CA SER A 187 10.85 19.55 -10.46
C SER A 187 9.56 18.97 -11.03
N GLY A 188 8.83 18.17 -10.26
CA GLY A 188 7.72 17.40 -10.77
C GLY A 188 8.09 16.02 -11.29
N LEU A 189 9.36 15.63 -11.19
CA LEU A 189 9.79 14.28 -11.54
C LEU A 189 10.04 13.48 -10.27
N TYR A 190 9.86 12.16 -10.38
CA TYR A 190 10.06 11.29 -9.24
C TYR A 190 11.51 10.82 -9.16
N SER A 191 11.89 10.34 -7.98
CA SER A 191 13.20 9.75 -7.81
C SER A 191 13.12 8.74 -6.67
N LEU A 192 13.87 7.65 -6.80
CA LEU A 192 14.00 6.72 -5.69
C LEU A 192 15.36 6.03 -5.75
N SER A 193 15.73 5.40 -4.65
CA SER A 193 16.88 4.52 -4.62
C SER A 193 16.45 3.10 -4.31
N SER A 194 17.21 2.15 -4.84
CA SER A 194 17.10 0.75 -4.46
C SER A 194 18.45 0.33 -3.90
N VAL A 195 18.45 -0.26 -2.70
CA VAL A 195 19.69 -0.65 -2.05
C VAL A 195 19.63 -2.12 -1.68
N VAL A 196 20.82 -2.70 -1.48
CA VAL A 196 20.93 -4.07 -1.02
C VAL A 196 22.18 -4.16 -0.13
N THR A 197 22.09 -4.97 0.92
CA THR A 197 23.26 -5.26 1.73
C THR A 197 23.82 -6.64 1.36
N VAL A 198 25.14 -6.73 1.31
CA VAL A 198 25.84 -7.94 0.88
C VAL A 198 27.06 -8.13 1.76
N PRO A 199 27.63 -9.33 1.78
CA PRO A 199 28.91 -9.51 2.48
C PRO A 199 29.98 -8.66 1.83
N SER A 200 30.73 -7.92 2.66
CA SER A 200 31.77 -7.04 2.14
C SER A 200 32.88 -7.82 1.46
N SER A 201 33.07 -9.10 1.83
CA SER A 201 34.07 -9.93 1.17
C SER A 201 33.72 -10.22 -0.27
N SER A 202 32.44 -10.10 -0.65
CA SER A 202 32.01 -10.37 -2.01
C SER A 202 32.20 -9.17 -2.94
N LEU A 203 32.63 -8.02 -2.43
CA LEU A 203 32.75 -6.85 -3.30
C LEU A 203 33.81 -7.04 -4.38
N GLY A 204 34.86 -7.80 -4.08
CA GLY A 204 35.91 -8.00 -5.07
C GLY A 204 35.60 -9.05 -6.11
N THR A 205 34.82 -10.08 -5.75
CA THR A 205 34.62 -11.23 -6.61
C THR A 205 33.22 -11.34 -7.21
N GLN A 206 32.25 -10.56 -6.73
CA GLN A 206 30.86 -10.67 -7.17
C GLN A 206 30.44 -9.40 -7.88
N THR A 207 29.85 -9.55 -9.07
CA THR A 207 29.33 -8.42 -9.81
C THR A 207 27.88 -8.14 -9.41
N TYR A 208 27.56 -6.87 -9.25
CA TYR A 208 26.24 -6.43 -8.83
C TYR A 208 25.70 -5.49 -9.88
N ILE A 209 24.50 -5.80 -10.38
CA ILE A 209 23.88 -5.06 -11.48
C ILE A 209 22.43 -4.82 -11.13
N CYS A 210 22.00 -3.56 -11.17
CA CYS A 210 20.58 -3.30 -10.95
C CYS A 210 19.90 -3.19 -12.30
N ASN A 211 18.73 -3.80 -12.40
CA ASN A 211 17.93 -3.83 -13.62
C ASN A 211 16.70 -2.96 -13.38
N VAL A 212 16.62 -1.84 -14.08
CA VAL A 212 15.59 -0.85 -13.85
C VAL A 212 14.62 -0.87 -15.02
N ASN A 213 13.33 -0.90 -14.72
CA ASN A 213 12.27 -0.91 -15.73
C ASN A 213 11.32 0.24 -15.45
N HIS A 214 11.09 1.08 -16.47
CA HIS A 214 10.07 2.14 -16.39
C HIS A 214 9.18 1.94 -17.61
N LYS A 215 8.08 1.22 -17.42
CA LYS A 215 7.24 0.87 -18.56
C LYS A 215 6.65 2.06 -19.31
N PRO A 216 6.21 3.15 -18.66
CA PRO A 216 5.58 4.24 -19.42
C PRO A 216 6.46 4.81 -20.53
N SER A 217 7.78 4.83 -20.33
CA SER A 217 8.73 5.35 -21.29
C SER A 217 9.51 4.26 -22.01
N ASN A 218 9.17 2.99 -21.77
CA ASN A 218 9.89 1.85 -22.34
C ASN A 218 11.36 1.88 -21.96
N THR A 219 11.69 2.42 -20.79
CA THR A 219 13.08 2.47 -20.34
C THR A 219 13.47 1.14 -19.71
N LYS A 220 14.59 0.59 -20.16
CA LYS A 220 15.20 -0.58 -19.53
C LYS A 220 16.69 -0.34 -19.40
N VAL A 221 17.21 -0.40 -18.17
CA VAL A 221 18.60 -0.08 -17.90
C VAL A 221 19.19 -1.13 -16.97
N ASP A 222 20.30 -1.73 -17.41
CA ASP A 222 21.14 -2.56 -16.56
C ASP A 222 22.37 -1.75 -16.17
N LYS A 223 22.55 -1.48 -14.87
CA LYS A 223 23.64 -0.63 -14.41
C LYS A 223 24.54 -1.42 -13.47
N LYS A 224 25.80 -1.60 -13.88
CA LYS A 224 26.80 -2.21 -13.02
C LYS A 224 27.08 -1.29 -11.86
N VAL A 225 27.15 -1.84 -10.66
CA VAL A 225 27.47 -1.06 -9.47
C VAL A 225 28.83 -1.53 -8.97
N GLU A 226 29.89 -0.74 -9.27
CA GLU A 226 31.25 -1.15 -8.95
C GLU A 226 31.75 -0.43 -7.71
N PRO A 227 32.61 -1.08 -6.93
CA PRO A 227 33.04 -0.49 -5.65
C PRO A 227 33.90 0.75 -5.85
N LYS A 228 33.92 1.60 -4.83
CA LYS A 228 34.79 2.77 -4.74
C LYS A 228 35.69 2.64 -3.51
N SER A 229 36.49 3.67 -3.26
CA SER A 229 37.47 3.65 -2.18
C SER A 229 37.35 4.89 -1.31
N CYS A 230 36.13 5.23 -0.90
CA CYS A 230 35.92 6.34 0.01
C CYS A 230 36.56 6.07 1.37
N GLU B 1 -16.93 23.14 9.53
CA GLU B 1 -16.75 21.72 9.33
C GLU B 1 -16.48 21.03 10.67
N ILE B 2 -16.81 19.74 10.72
CA ILE B 2 -16.51 18.92 11.90
C ILE B 2 -15.15 18.27 11.69
N VAL B 3 -14.23 18.57 12.59
CA VAL B 3 -12.87 18.05 12.53
C VAL B 3 -12.77 16.86 13.46
N LEU B 4 -12.26 15.75 12.95
CA LEU B 4 -12.04 14.54 13.73
C LEU B 4 -10.53 14.41 14.00
N THR B 5 -10.17 14.32 15.28
CA THR B 5 -8.78 14.20 15.71
C THR B 5 -8.57 12.83 16.34
N GLN B 6 -7.70 12.03 15.73
CA GLN B 6 -7.38 10.71 16.25
C GLN B 6 -6.09 10.72 17.03
N SER B 7 -6.01 9.82 18.01
CA SER B 7 -4.83 9.64 18.84
C SER B 7 -4.79 8.19 19.29
N PRO B 8 -3.59 7.63 19.48
CA PRO B 8 -2.30 8.25 19.21
C PRO B 8 -2.03 8.23 17.70
N ALA B 9 -0.99 8.91 17.22
CA ALA B 9 -0.67 8.82 15.81
C ALA B 9 -0.25 7.41 15.43
N THR B 10 0.54 6.77 16.28
CA THR B 10 1.00 5.41 16.07
C THR B 10 0.85 4.63 17.38
N LEU B 11 0.34 3.41 17.25
CA LEU B 11 0.21 2.47 18.37
C LEU B 11 1.06 1.27 18.03
N SER B 12 2.01 0.96 18.88
CA SER B 12 2.97 -0.13 18.65
C SER B 12 2.65 -1.26 19.61
N LEU B 13 2.09 -2.34 19.08
CA LEU B 13 1.60 -3.41 19.94
C LEU B 13 1.95 -4.76 19.36
N SER B 14 1.70 -5.80 20.14
CA SER B 14 1.96 -7.18 19.75
C SER B 14 0.65 -7.94 19.64
N PRO B 15 0.62 -9.01 18.84
CA PRO B 15 -0.59 -9.85 18.78
C PRO B 15 -1.01 -10.31 20.16
N GLY B 16 -2.33 -10.36 20.36
CA GLY B 16 -2.95 -10.77 21.61
C GLY B 16 -3.31 -9.60 22.51
N GLU B 17 -2.60 -8.48 22.37
CA GLU B 17 -2.79 -7.33 23.23
C GLU B 17 -4.05 -6.56 22.85
N ARG B 18 -4.59 -5.86 23.85
CA ARG B 18 -5.74 -5.00 23.60
C ARG B 18 -5.26 -3.67 23.02
N ALA B 19 -5.92 -3.24 21.96
CA ALA B 19 -5.63 -1.96 21.32
C ALA B 19 -6.80 -1.02 21.54
N THR B 20 -6.50 0.20 21.94
CA THR B 20 -7.50 1.22 22.21
C THR B 20 -7.19 2.47 21.38
N LEU B 21 -8.08 2.81 20.46
CA LEU B 21 -7.90 3.93 19.55
C LEU B 21 -8.97 4.98 19.84
N SER B 22 -8.58 6.25 19.85
CA SER B 22 -9.49 7.34 20.18
C SER B 22 -9.75 8.24 18.98
N CYS B 23 -10.97 8.78 18.93
CA CYS B 23 -11.36 9.75 17.91
C CYS B 23 -12.17 10.85 18.58
N ARG B 24 -11.73 12.09 18.44
CA ARG B 24 -12.40 13.22 19.08
C ARG B 24 -12.95 14.15 18.00
N ALA B 25 -14.23 14.51 18.14
CA ALA B 25 -14.89 15.40 17.20
C ALA B 25 -14.89 16.82 17.74
N SER B 26 -14.71 17.79 16.85
CA SER B 26 -14.68 19.19 17.27
C SER B 26 -16.02 19.65 17.81
N GLN B 27 -17.11 18.99 17.41
CA GLN B 27 -18.43 19.23 18.00
C GLN B 27 -19.19 17.92 17.91
N SER B 28 -20.34 17.87 18.60
CA SER B 28 -21.07 16.61 18.69
C SER B 28 -21.44 16.09 17.31
N VAL B 29 -21.21 14.79 17.10
CA VAL B 29 -21.72 14.10 15.93
C VAL B 29 -22.78 13.07 16.34
N SER B 30 -23.32 13.21 17.55
CA SER B 30 -24.21 12.23 18.17
C SER B 30 -23.58 10.85 18.07
N SER B 31 -24.24 9.91 17.41
CA SER B 31 -23.66 8.59 17.20
C SER B 31 -23.31 8.33 15.75
N TYR B 32 -23.24 9.38 14.93
CA TYR B 32 -23.03 9.26 13.48
C TYR B 32 -21.54 9.12 13.15
N LEU B 33 -20.93 8.07 13.70
CA LEU B 33 -19.50 7.84 13.64
C LEU B 33 -19.22 6.44 13.10
N ALA B 34 -18.19 6.33 12.28
CA ALA B 34 -17.75 5.04 11.76
C ALA B 34 -16.25 4.90 11.90
N TRP B 35 -15.80 3.65 11.94
CA TRP B 35 -14.38 3.31 11.96
C TRP B 35 -14.04 2.48 10.73
N TYR B 36 -12.90 2.79 10.12
CA TYR B 36 -12.38 2.05 8.98
C TYR B 36 -10.97 1.54 9.25
N GLN B 37 -10.66 0.44 8.56
CA GLN B 37 -9.32 -0.14 8.51
C GLN B 37 -8.78 -0.01 7.09
N GLN B 38 -7.52 0.40 6.96
CA GLN B 38 -6.95 0.47 5.62
C GLN B 38 -5.52 -0.03 5.63
N LYS B 39 -5.21 -0.93 4.72
CA LYS B 39 -3.87 -1.47 4.55
C LYS B 39 -3.23 -0.89 3.32
N PRO B 40 -1.90 -0.82 3.27
CA PRO B 40 -1.24 -0.20 2.12
C PRO B 40 -1.70 -0.77 0.79
N GLY B 41 -1.96 0.11 -0.16
CA GLY B 41 -2.38 -0.29 -1.48
C GLY B 41 -3.79 -0.82 -1.59
N GLN B 42 -4.57 -0.78 -0.51
CA GLN B 42 -5.93 -1.30 -0.53
C GLN B 42 -6.94 -0.23 -0.17
N ALA B 43 -8.19 -0.50 -0.51
CA ALA B 43 -9.26 0.39 -0.14
C ALA B 43 -9.56 0.26 1.36
N PRO B 44 -10.16 1.29 1.96
CA PRO B 44 -10.60 1.16 3.35
C PRO B 44 -11.73 0.15 3.48
N ARG B 45 -11.90 -0.31 4.71
CA ARG B 45 -12.85 -1.35 5.03
C ARG B 45 -13.68 -0.87 6.21
N LEU B 46 -15.01 -0.88 6.07
CA LEU B 46 -15.87 -0.45 7.17
C LEU B 46 -15.88 -1.50 8.29
N LEU B 47 -15.57 -1.06 9.51
CA LEU B 47 -15.55 -1.92 10.71
C LEU B 47 -16.76 -1.70 11.61
N ILE B 48 -17.05 -0.45 11.93
CA ILE B 48 -18.06 -0.07 12.91
C ILE B 48 -18.79 1.14 12.36
N PHE B 49 -20.11 1.16 12.51
CA PHE B 49 -20.90 2.33 12.15
C PHE B 49 -21.90 2.64 13.25
N ASP B 50 -22.46 3.84 13.18
CA ASP B 50 -23.31 4.37 14.24
C ASP B 50 -22.63 4.19 15.60
N ALA B 51 -21.32 4.45 15.62
CA ALA B 51 -20.48 4.46 16.83
C ALA B 51 -20.20 3.09 17.41
N SER B 52 -21.19 2.19 17.43
CA SER B 52 -20.98 0.92 18.12
C SER B 52 -21.49 -0.31 17.38
N ILE B 53 -22.00 -0.19 16.16
CA ILE B 53 -22.58 -1.33 15.45
C ILE B 53 -21.51 -1.95 14.56
N ARG B 54 -21.30 -3.25 14.72
CA ARG B 54 -20.29 -3.94 13.94
C ARG B 54 -20.85 -4.29 12.56
N ALA B 55 -20.08 -3.99 11.52
CA ALA B 55 -20.47 -4.32 10.17
C ALA B 55 -20.42 -5.83 9.96
N THR B 56 -21.12 -6.28 8.92
CA THR B 56 -21.15 -7.70 8.57
C THR B 56 -19.74 -8.19 8.24
N GLY B 57 -19.40 -9.38 8.71
CA GLY B 57 -18.11 -9.96 8.41
C GLY B 57 -16.95 -9.38 9.18
N ILE B 58 -17.20 -8.52 10.16
CA ILE B 58 -16.14 -7.93 10.96
C ILE B 58 -16.04 -8.78 12.21
N PRO B 59 -14.82 -9.19 12.61
CA PRO B 59 -14.68 -10.06 13.80
C PRO B 59 -15.10 -9.34 15.06
N ALA B 60 -15.65 -10.14 16.00
CA ALA B 60 -16.20 -9.60 17.23
C ALA B 60 -15.14 -8.95 18.11
N ARG B 61 -13.86 -9.16 17.84
CA ARG B 61 -12.84 -8.51 18.66
C ARG B 61 -12.82 -7.01 18.44
N PHE B 62 -13.46 -6.52 17.39
CA PHE B 62 -13.60 -5.09 17.15
C PHE B 62 -14.86 -4.59 17.83
N SER B 63 -14.74 -3.52 18.59
CA SER B 63 -15.92 -2.89 19.17
C SER B 63 -15.70 -1.39 19.23
N GLY B 64 -16.78 -0.65 19.03
CA GLY B 64 -16.76 0.79 19.12
C GLY B 64 -17.63 1.25 20.28
N SER B 65 -17.29 2.41 20.84
CA SER B 65 -18.09 3.00 21.89
C SER B 65 -17.97 4.52 21.79
N GLY B 66 -18.89 5.19 22.48
CA GLY B 66 -18.87 6.63 22.61
C GLY B 66 -20.06 7.29 21.94
N SER B 67 -20.15 8.60 22.17
CA SER B 67 -21.22 9.44 21.65
C SER B 67 -20.80 10.88 21.84
N GLY B 68 -21.43 11.77 21.08
CA GLY B 68 -21.12 13.19 21.21
C GLY B 68 -19.80 13.53 20.56
N THR B 69 -18.73 13.65 21.35
CA THR B 69 -17.45 14.10 20.83
C THR B 69 -16.30 13.15 21.10
N ASP B 70 -16.47 12.11 21.91
CA ASP B 70 -15.39 11.22 22.28
C ASP B 70 -15.77 9.80 21.92
N PHE B 71 -14.94 9.15 21.11
CA PHE B 71 -15.22 7.82 20.60
C PHE B 71 -13.98 6.95 20.74
N THR B 72 -14.21 5.65 20.88
CA THR B 72 -13.12 4.70 21.07
C THR B 72 -13.38 3.46 20.24
N LEU B 73 -12.36 3.01 19.53
CA LEU B 73 -12.35 1.71 18.87
C LEU B 73 -11.43 0.79 19.67
N THR B 74 -11.94 -0.37 20.06
CA THR B 74 -11.17 -1.33 20.82
C THR B 74 -11.03 -2.62 20.05
N ILE B 75 -9.82 -3.13 19.98
CA ILE B 75 -9.54 -4.47 19.48
C ILE B 75 -9.16 -5.28 20.72
N SER B 76 -10.00 -6.24 21.10
CA SER B 76 -9.81 -6.89 22.41
C SER B 76 -8.55 -7.73 22.43
N SER B 77 -8.22 -8.39 21.33
CA SER B 77 -6.98 -9.15 21.18
C SER B 77 -6.50 -8.93 19.76
N LEU B 78 -5.45 -8.12 19.60
CA LEU B 78 -4.92 -7.83 18.27
C LEU B 78 -4.48 -9.09 17.57
N GLU B 79 -4.73 -9.17 16.27
CA GLU B 79 -4.21 -10.29 15.50
C GLU B 79 -3.44 -9.76 14.31
N PRO B 80 -2.61 -10.60 13.66
CA PRO B 80 -1.68 -10.07 12.65
C PRO B 80 -2.37 -9.36 11.50
N GLU B 81 -3.58 -9.79 11.13
CA GLU B 81 -4.28 -9.09 10.06
C GLU B 81 -4.79 -7.72 10.49
N ASP B 82 -4.61 -7.33 11.75
CA ASP B 82 -5.11 -6.07 12.23
C ASP B 82 -4.13 -4.92 12.11
N PHE B 83 -2.86 -5.20 11.83
CA PHE B 83 -1.88 -4.13 11.67
C PHE B 83 -2.19 -3.39 10.38
N ALA B 84 -2.47 -2.10 10.52
CA ALA B 84 -3.11 -1.32 9.47
C ALA B 84 -3.27 0.11 9.98
N VAL B 85 -3.79 0.98 9.15
CA VAL B 85 -4.19 2.31 9.56
C VAL B 85 -5.69 2.34 9.79
N TYR B 86 -6.11 3.01 10.86
CA TYR B 86 -7.51 3.10 11.24
C TYR B 86 -7.98 4.54 11.18
N TYR B 87 -9.14 4.75 10.58
CA TYR B 87 -9.73 6.07 10.41
C TYR B 87 -11.10 6.09 11.04
N CYS B 88 -11.44 7.22 11.66
CA CYS B 88 -12.83 7.46 12.00
C CYS B 88 -13.47 8.40 10.98
N GLN B 89 -14.79 8.37 10.93
CA GLN B 89 -15.53 9.15 9.95
C GLN B 89 -16.87 9.54 10.57
N GLN B 90 -17.31 10.77 10.29
CA GLN B 90 -18.61 11.21 10.76
C GLN B 90 -19.50 11.56 9.57
N ARG B 91 -20.81 11.39 9.78
CA ARG B 91 -21.81 11.78 8.79
C ARG B 91 -22.91 12.64 9.41
N SER B 92 -22.61 13.29 10.54
CA SER B 92 -23.56 14.24 11.12
C SER B 92 -23.67 15.50 10.27
N ASN B 93 -22.54 16.02 9.79
CA ASN B 93 -22.52 17.24 9.01
C ASN B 93 -21.52 17.06 7.87
N TRP B 94 -22.04 16.89 6.65
CA TRP B 94 -21.23 16.50 5.51
C TRP B 94 -20.49 15.21 5.88
N TYR B 95 -19.28 15.00 5.36
CA TYR B 95 -18.55 13.75 5.55
C TYR B 95 -17.09 14.11 5.76
N THR B 96 -16.57 13.86 6.97
CA THR B 96 -15.17 14.11 7.25
C THR B 96 -14.55 12.89 7.91
N PHE B 97 -13.23 12.80 7.79
CA PHE B 97 -12.45 11.69 8.32
C PHE B 97 -11.41 12.21 9.29
N GLY B 98 -11.04 11.37 10.23
CA GLY B 98 -9.84 11.62 11.01
C GLY B 98 -8.59 11.40 10.18
N GLN B 99 -7.46 11.79 10.74
CA GLN B 99 -6.19 11.73 10.04
C GLN B 99 -5.51 10.37 10.17
N GLY B 100 -6.05 9.47 10.98
CA GLY B 100 -5.59 8.10 11.01
C GLY B 100 -4.71 7.80 12.21
N THR B 101 -4.82 6.56 12.70
CA THR B 101 -3.90 5.98 13.65
C THR B 101 -3.29 4.75 13.01
N LYS B 102 -1.95 4.67 13.00
CA LYS B 102 -1.29 3.49 12.45
C LYS B 102 -1.06 2.49 13.57
N LEU B 103 -1.56 1.28 13.39
CA LEU B 103 -1.33 0.19 14.35
C LEU B 103 -0.18 -0.63 13.79
N GLU B 104 1.01 -0.51 14.41
CA GLU B 104 2.20 -1.15 13.88
C GLU B 104 2.65 -2.28 14.81
N ILE B 105 3.49 -3.14 14.25
CA ILE B 105 3.97 -4.34 14.95
C ILE B 105 5.13 -3.92 15.82
N LYS B 106 5.00 -4.14 17.13
CA LYS B 106 6.09 -3.87 18.03
C LYS B 106 7.14 -4.96 17.91
N ARG B 107 8.41 -4.57 18.00
CA ARG B 107 9.50 -5.51 18.08
C ARG B 107 10.60 -4.90 18.92
N THR B 108 11.70 -5.62 19.05
CA THR B 108 12.81 -5.13 19.85
C THR B 108 13.53 -3.99 19.11
N VAL B 109 14.28 -3.21 19.88
CA VAL B 109 15.03 -2.09 19.31
C VAL B 109 16.19 -2.60 18.48
N ALA B 110 16.33 -2.03 17.28
CA ALA B 110 17.48 -2.26 16.41
C ALA B 110 17.97 -0.91 15.95
N ALA B 111 19.20 -0.56 16.33
CA ALA B 111 19.80 0.67 15.84
C ALA B 111 20.06 0.55 14.34
N PRO B 112 19.91 1.63 13.59
CA PRO B 112 20.19 1.55 12.15
C PRO B 112 21.67 1.36 11.88
N SER B 113 21.97 0.55 10.86
CA SER B 113 23.29 0.61 10.24
C SER B 113 23.26 1.79 9.25
N VAL B 114 24.35 2.54 9.18
CA VAL B 114 24.38 3.80 8.44
C VAL B 114 25.40 3.70 7.32
N PHE B 115 24.99 4.07 6.11
CA PHE B 115 25.83 3.98 4.92
C PHE B 115 25.70 5.28 4.15
N ILE B 116 26.80 5.80 3.63
CA ILE B 116 26.74 6.98 2.78
C ILE B 116 27.31 6.65 1.40
N PHE B 117 26.69 7.25 0.38
CA PHE B 117 27.09 7.06 -1.00
C PHE B 117 27.41 8.38 -1.67
N PRO B 118 28.56 8.50 -2.33
CA PRO B 118 28.88 9.70 -3.09
C PRO B 118 28.07 9.77 -4.37
N PRO B 119 27.94 10.94 -4.99
CA PRO B 119 27.42 10.97 -6.35
C PRO B 119 28.37 10.27 -7.30
N SER B 120 27.80 9.63 -8.32
CA SER B 120 28.59 8.98 -9.34
C SER B 120 29.22 10.01 -10.27
N ASP B 121 30.38 9.65 -10.83
CA ASP B 121 31.01 10.50 -11.83
C ASP B 121 30.06 10.76 -12.99
N GLU B 122 29.26 9.74 -13.35
CA GLU B 122 28.33 9.89 -14.46
C GLU B 122 27.29 10.97 -14.19
N GLN B 123 26.70 10.97 -12.98
CA GLN B 123 25.74 12.00 -12.65
C GLN B 123 26.40 13.38 -12.64
N LEU B 124 27.60 13.48 -12.06
CA LEU B 124 28.27 14.76 -11.97
C LEU B 124 28.51 15.36 -13.36
N LYS B 125 28.95 14.55 -14.31
CA LYS B 125 29.15 15.05 -15.66
C LYS B 125 27.87 15.67 -16.22
N SER B 126 26.71 15.16 -15.79
CA SER B 126 25.40 15.66 -16.22
C SER B 126 24.99 16.95 -15.53
N GLY B 127 25.67 17.36 -14.45
CA GLY B 127 25.43 18.65 -13.84
C GLY B 127 24.79 18.63 -12.46
N THR B 128 24.49 17.47 -11.90
CA THR B 128 23.86 17.38 -10.59
C THR B 128 24.65 16.40 -9.73
N ALA B 129 24.49 16.55 -8.41
CA ALA B 129 25.09 15.64 -7.44
C ALA B 129 24.04 15.25 -6.43
N SER B 130 23.73 13.97 -6.37
CA SER B 130 22.92 13.42 -5.30
C SER B 130 23.82 12.63 -4.37
N VAL B 131 23.73 12.93 -3.08
CA VAL B 131 24.44 12.22 -2.04
C VAL B 131 23.37 11.47 -1.23
N VAL B 132 23.55 10.17 -1.06
CA VAL B 132 22.54 9.33 -0.43
C VAL B 132 23.07 8.79 0.88
N CYS B 133 22.26 8.93 1.93
CA CYS B 133 22.52 8.30 3.22
C CYS B 133 21.45 7.25 3.47
N LEU B 134 21.88 6.05 3.85
CA LEU B 134 20.98 4.93 4.10
C LEU B 134 21.01 4.56 5.58
N LEU B 135 19.83 4.47 6.19
CA LEU B 135 19.64 3.97 7.55
C LEU B 135 18.93 2.63 7.40
N ASN B 136 19.61 1.54 7.71
CA ASN B 136 19.09 0.23 7.33
C ASN B 136 18.65 -0.55 8.56
N ASN B 137 17.45 -1.13 8.46
CA ASN B 137 16.92 -2.17 9.36
C ASN B 137 16.88 -1.72 10.82
N PHE B 138 16.14 -0.65 11.07
CA PHE B 138 16.07 -0.08 12.41
C PHE B 138 14.65 -0.11 12.96
N TYR B 139 14.55 -0.04 14.29
CA TYR B 139 13.27 0.00 14.95
C TYR B 139 13.56 0.56 16.34
N PRO B 140 12.73 1.46 16.86
CA PRO B 140 11.48 2.02 16.32
C PRO B 140 11.71 3.02 15.20
N ARG B 141 10.63 3.63 14.74
CA ARG B 141 10.66 4.39 13.49
C ARG B 141 11.40 5.71 13.64
N GLU B 142 11.38 6.30 14.84
CA GLU B 142 11.87 7.66 15.00
C GLU B 142 13.38 7.72 14.79
N ALA B 143 13.82 8.62 13.92
CA ALA B 143 15.25 8.80 13.70
C ALA B 143 15.46 10.22 13.23
N LYS B 144 16.70 10.70 13.35
CA LYS B 144 17.03 12.03 12.83
C LYS B 144 18.26 11.91 11.95
N VAL B 145 18.16 12.46 10.74
CA VAL B 145 19.27 12.50 9.80
C VAL B 145 19.66 13.95 9.60
N GLN B 146 20.95 14.23 9.78
CA GLN B 146 21.47 15.57 9.60
C GLN B 146 22.61 15.51 8.60
N TRP B 147 22.57 16.39 7.61
CA TRP B 147 23.62 16.48 6.62
C TRP B 147 24.55 17.62 6.96
N LYS B 148 25.85 17.37 6.84
CA LYS B 148 26.86 18.40 7.02
C LYS B 148 27.77 18.37 5.81
N VAL B 149 28.04 19.56 5.28
CA VAL B 149 28.93 19.74 4.14
C VAL B 149 30.03 20.67 4.60
N ASP B 150 31.28 20.20 4.57
CA ASP B 150 32.42 20.93 5.13
C ASP B 150 32.09 21.43 6.53
N ASN B 151 31.41 20.58 7.30
CA ASN B 151 31.05 20.74 8.70
C ASN B 151 29.94 21.76 8.93
N ALA B 152 29.29 22.24 7.88
CA ALA B 152 28.15 23.14 8.00
C ALA B 152 26.85 22.36 7.87
N LEU B 153 25.95 22.56 8.82
CA LEU B 153 24.68 21.83 8.82
C LEU B 153 23.79 22.29 7.66
N GLN B 154 23.27 21.33 6.90
CA GLN B 154 22.42 21.59 5.76
C GLN B 154 20.96 21.65 6.18
N SER B 155 20.18 22.45 5.45
CA SER B 155 18.74 22.50 5.65
C SER B 155 18.06 22.84 4.33
N GLY B 156 16.96 22.17 4.05
CA GLY B 156 16.12 22.49 2.91
C GLY B 156 16.48 21.78 1.63
N ASN B 157 17.59 21.05 1.58
CA ASN B 157 18.07 20.46 0.34
C ASN B 157 18.17 18.93 0.42
N SER B 158 17.41 18.29 1.31
CA SER B 158 17.35 16.84 1.37
C SER B 158 15.90 16.37 1.39
N GLN B 159 15.67 15.15 0.89
CA GLN B 159 14.38 14.48 0.96
C GLN B 159 14.56 13.07 1.51
N GLU B 160 13.60 12.63 2.29
CA GLU B 160 13.62 11.31 2.91
C GLU B 160 12.53 10.43 2.34
N SER B 161 12.79 9.13 2.35
CA SER B 161 11.81 8.12 2.02
C SER B 161 12.01 6.95 2.96
N VAL B 162 10.92 6.32 3.39
CA VAL B 162 10.98 5.25 4.38
C VAL B 162 10.14 4.09 3.89
N THR B 163 10.68 2.89 4.04
CA THR B 163 9.96 1.69 3.68
C THR B 163 8.87 1.40 4.72
N GLU B 164 7.96 0.51 4.35
CA GLU B 164 7.05 -0.06 5.32
C GLU B 164 7.80 -1.07 6.19
N GLN B 165 7.19 -1.42 7.32
CA GLN B 165 7.78 -2.43 8.16
C GLN B 165 8.05 -3.70 7.38
N ASP B 166 9.28 -4.22 7.48
CA ASP B 166 9.63 -5.41 6.73
C ASP B 166 8.73 -6.58 7.13
N SER B 167 8.31 -7.37 6.13
CA SER B 167 7.40 -8.47 6.41
C SER B 167 8.03 -9.53 7.31
N LYS B 168 9.35 -9.70 7.23
CA LYS B 168 10.02 -10.73 8.02
C LYS B 168 10.47 -10.22 9.39
N ASP B 169 11.16 -9.07 9.42
CA ASP B 169 11.77 -8.64 10.67
C ASP B 169 11.16 -7.38 11.27
N SER B 170 10.15 -6.79 10.63
CA SER B 170 9.39 -5.66 11.16
C SER B 170 10.23 -4.38 11.32
N THR B 171 11.39 -4.30 10.68
CA THR B 171 12.17 -3.07 10.78
C THR B 171 11.79 -2.10 9.67
N TYR B 172 12.29 -0.88 9.81
CA TYR B 172 12.22 0.16 8.80
C TYR B 172 13.59 0.38 8.19
N SER B 173 13.61 0.85 6.95
CA SER B 173 14.82 1.44 6.38
C SER B 173 14.46 2.82 5.83
N LEU B 174 15.46 3.69 5.77
CA LEU B 174 15.22 5.07 5.36
C LEU B 174 16.37 5.54 4.47
N SER B 175 16.02 6.26 3.42
CA SER B 175 17.01 6.95 2.60
C SER B 175 16.88 8.45 2.79
N SER B 176 18.01 9.14 2.86
CA SER B 176 18.05 10.60 2.80
C SER B 176 18.92 10.97 1.61
N THR B 177 18.38 11.81 0.72
CA THR B 177 19.10 12.22 -0.47
C THR B 177 19.32 13.72 -0.41
N LEU B 178 20.58 14.10 -0.43
CA LEU B 178 21.00 15.48 -0.46
C LEU B 178 21.29 15.83 -1.90
N THR B 179 20.68 16.90 -2.40
CA THR B 179 20.81 17.28 -3.81
C THR B 179 21.47 18.65 -3.91
N LEU B 180 22.60 18.70 -4.62
CA LEU B 180 23.30 19.93 -4.92
C LEU B 180 23.55 20.03 -6.42
N SER B 181 23.70 21.26 -6.91
CA SER B 181 24.24 21.39 -8.25
C SER B 181 25.65 20.84 -8.27
N LYS B 182 26.12 20.43 -9.46
CA LYS B 182 27.51 19.99 -9.58
C LYS B 182 28.45 21.09 -9.12
N ALA B 183 28.14 22.35 -9.46
CA ALA B 183 29.02 23.45 -9.13
C ALA B 183 29.11 23.65 -7.62
N ASP B 184 27.98 23.56 -6.92
CA ASP B 184 28.02 23.63 -5.47
C ASP B 184 28.71 22.41 -4.89
N TYR B 185 28.42 21.22 -5.41
CA TYR B 185 29.08 20.01 -4.90
C TYR B 185 30.59 20.12 -5.01
N GLU B 186 31.07 20.69 -6.11
CA GLU B 186 32.50 20.79 -6.37
C GLU B 186 33.17 21.84 -5.50
N LYS B 187 32.41 22.62 -4.73
CA LYS B 187 32.98 23.65 -3.87
C LYS B 187 33.41 23.12 -2.52
N HIS B 188 33.10 21.87 -2.21
CA HIS B 188 33.25 21.36 -0.86
C HIS B 188 33.92 20.00 -0.88
N LYS B 189 34.54 19.66 0.26
CA LYS B 189 35.31 18.42 0.39
C LYS B 189 34.55 17.34 1.16
N VAL B 190 34.11 17.63 2.37
CA VAL B 190 33.62 16.61 3.29
C VAL B 190 32.11 16.59 3.28
N TYR B 191 31.55 15.42 2.96
CA TYR B 191 30.11 15.21 2.92
C TYR B 191 29.76 14.20 4.00
N ALA B 192 28.91 14.60 4.94
CA ALA B 192 28.66 13.78 6.12
C ALA B 192 27.17 13.64 6.40
N CYS B 193 26.75 12.43 6.73
CA CYS B 193 25.41 12.25 7.28
CA CYS B 193 25.42 12.14 7.24
C CYS B 193 25.54 11.74 8.71
N GLU B 194 24.82 12.42 9.59
CA GLU B 194 24.83 12.14 11.02
C GLU B 194 23.46 11.62 11.42
N VAL B 195 23.43 10.47 12.08
CA VAL B 195 22.19 9.77 12.39
C VAL B 195 22.05 9.63 13.89
N THR B 196 20.89 9.98 14.42
CA THR B 196 20.55 9.66 15.80
C THR B 196 19.30 8.79 15.82
N HIS B 197 19.26 7.90 16.81
CA HIS B 197 18.19 6.93 16.96
C HIS B 197 18.26 6.48 18.41
N GLN B 198 17.11 6.09 18.98
CA GLN B 198 17.10 5.74 20.40
C GLN B 198 17.97 4.55 20.73
N GLY B 199 18.27 3.69 19.76
CA GLY B 199 19.18 2.57 19.96
C GLY B 199 20.65 2.89 19.89
N LEU B 200 21.00 4.15 19.60
CA LEU B 200 22.38 4.59 19.45
C LEU B 200 22.79 5.44 20.65
N SER B 201 23.89 5.04 21.30
CA SER B 201 24.31 5.79 22.47
C SER B 201 24.87 7.15 22.05
N SER B 202 25.53 7.19 20.91
CA SER B 202 26.08 8.39 20.30
C SER B 202 25.59 8.47 18.87
N PRO B 203 25.48 9.67 18.31
CA PRO B 203 25.16 9.78 16.88
C PRO B 203 26.22 9.09 16.05
N VAL B 204 25.75 8.47 14.96
CA VAL B 204 26.64 7.80 14.01
C VAL B 204 26.80 8.71 12.79
N THR B 205 28.04 9.07 12.48
CA THR B 205 28.33 9.85 11.27
C THR B 205 29.11 9.00 10.28
N LYS B 206 28.66 9.03 9.02
CA LYS B 206 29.45 8.51 7.93
C LYS B 206 29.75 9.68 7.02
N SER B 207 30.99 9.76 6.56
CA SER B 207 31.34 10.85 5.66
C SER B 207 32.38 10.38 4.66
N PHE B 208 32.48 11.11 3.56
CA PHE B 208 33.55 10.89 2.60
C PHE B 208 34.13 12.23 2.19
N ASN B 209 35.33 12.19 1.62
CA ASN B 209 35.97 13.35 1.02
C ASN B 209 35.78 13.30 -0.50
N ARG B 210 35.17 14.35 -1.06
CA ARG B 210 35.02 14.43 -2.50
C ARG B 210 36.36 14.23 -3.20
N GLY B 211 36.38 13.33 -4.18
CA GLY B 211 37.60 13.06 -4.91
C GLY B 211 38.48 11.98 -4.32
N GLU B 212 38.14 11.43 -3.16
CA GLU B 212 38.84 10.28 -2.62
C GLU B 212 38.18 8.96 -2.94
N CYS B 213 36.96 8.99 -3.49
CA CYS B 213 36.23 7.76 -3.76
C CYS B 213 36.64 7.14 -5.10
N UNK C 1 12.98 -17.33 0.91
CA UNK C 1 12.90 -16.56 -0.33
C UNK C 1 12.05 -17.27 -1.39
N VAL C 2 10.76 -17.40 -1.13
CA VAL C 2 9.83 -18.07 -2.03
C VAL C 2 8.85 -17.03 -2.58
N GLN C 3 8.54 -17.13 -3.86
CA GLN C 3 7.55 -16.28 -4.51
C GLN C 3 6.43 -17.15 -5.06
N LEU C 4 5.18 -16.76 -4.82
CA LEU C 4 4.02 -17.47 -5.31
C LEU C 4 3.27 -16.57 -6.29
N UNK C 5 3.03 -17.07 -7.51
CA UNK C 5 2.34 -16.32 -8.55
C UNK C 5 1.03 -17.02 -8.88
N UNK C 6 -0.09 -16.35 -8.66
CA UNK C 6 -1.41 -16.89 -8.90
C UNK C 6 -1.93 -16.46 -10.26
N SER C 7 -2.76 -17.32 -10.85
CA SER C 7 -3.39 -16.96 -12.11
C SER C 7 -4.68 -17.74 -12.25
N GLY C 8 -5.43 -17.43 -13.31
CA GLY C 8 -6.60 -18.21 -13.64
C GLY C 8 -7.91 -17.64 -13.16
N GLY C 9 -7.90 -16.51 -12.47
CA GLY C 9 -9.13 -15.90 -12.03
C GLY C 9 -9.85 -15.23 -13.18
N GLY C 10 -10.99 -14.63 -12.85
CA GLY C 10 -11.72 -13.83 -13.80
C GLY C 10 -13.21 -13.93 -13.57
N UNK C 11 -13.96 -13.54 -14.59
CA UNK C 11 -15.42 -13.47 -14.54
C UNK C 11 -16.05 -14.74 -15.11
N VAL C 12 -16.91 -15.40 -14.31
CA VAL C 12 -17.71 -16.57 -14.69
C VAL C 12 -19.20 -16.31 -14.46
N GLN C 13 -20.02 -16.94 -15.31
CA GLN C 13 -21.43 -17.04 -15.02
C GLN C 13 -21.67 -18.07 -13.92
N UNK C 14 -22.75 -17.86 -13.19
CA UNK C 14 -23.18 -18.81 -12.18
C UNK C 14 -23.31 -20.20 -12.79
N GLY C 15 -22.83 -21.21 -12.07
CA GLY C 15 -22.80 -22.58 -12.53
C GLY C 15 -21.57 -22.96 -13.32
N UNK C 16 -20.74 -22.00 -13.68
CA UNK C 16 -19.64 -22.27 -14.59
C UNK C 16 -18.39 -22.66 -13.80
N SER C 17 -17.27 -22.83 -14.49
CA SER C 17 -16.07 -23.40 -13.90
C SER C 17 -14.84 -22.56 -14.19
N LEU C 18 -13.90 -22.57 -13.25
CA LEU C 18 -12.58 -21.95 -13.43
C LEU C 18 -11.54 -22.82 -12.77
N UNK C 19 -10.27 -22.61 -13.14
CA UNK C 19 -9.17 -23.26 -12.43
C UNK C 19 -8.12 -22.23 -12.10
N LEU C 20 -7.85 -22.02 -10.81
CA LEU C 20 -6.76 -21.17 -10.40
C LEU C 20 -5.47 -21.96 -10.30
N SER C 21 -4.36 -21.29 -10.57
CA SER C 21 -3.04 -21.90 -10.43
C SER C 21 -2.20 -21.05 -9.49
N CYS C 22 -1.27 -21.70 -8.80
CA CYS C 22 -0.37 -21.03 -7.86
C CYS C 22 1.01 -21.61 -8.15
N UNK C 23 1.85 -20.85 -8.86
CA UNK C 23 3.17 -21.28 -9.27
C UNK C 23 4.21 -20.76 -8.29
N ALA C 24 5.02 -21.67 -7.74
CA ALA C 24 6.07 -21.31 -6.81
C ALA C 24 7.41 -21.17 -7.51
N UNK C 25 8.17 -20.15 -7.14
CA UNK C 25 9.54 -19.98 -7.60
C UNK C 25 10.47 -19.97 -6.40
N UNK C 26 11.66 -20.56 -6.59
CA UNK C 26 12.81 -20.52 -5.67
C UNK C 26 12.72 -21.51 -4.53
N UNK C 27 11.87 -22.53 -4.63
CA UNK C 27 11.84 -23.63 -3.68
C UNK C 27 11.07 -24.77 -4.30
N UNK C 28 11.60 -25.98 -4.19
CA UNK C 28 10.84 -27.15 -4.64
C UNK C 28 9.69 -27.39 -3.66
N UNK C 29 8.46 -27.40 -4.16
CA UNK C 29 7.31 -27.35 -3.25
C UNK C 29 6.82 -28.72 -2.83
N UNK C 30 7.42 -29.80 -3.32
CA UNK C 30 6.84 -31.13 -3.14
C UNK C 30 6.71 -31.51 -1.66
N UNK C 31 7.65 -31.09 -0.83
CA UNK C 31 7.60 -31.48 0.58
C UNK C 31 6.56 -30.72 1.39
N UNK C 32 5.94 -29.68 0.86
CA UNK C 32 5.13 -28.76 1.65
C UNK C 32 3.67 -28.79 1.24
N UNK C 33 2.78 -28.76 2.23
CA UNK C 33 1.38 -28.51 1.95
C UNK C 33 1.22 -27.12 1.36
N UNK C 34 0.27 -26.99 0.43
CA UNK C 34 -0.09 -25.69 -0.12
C UNK C 34 -1.59 -25.48 0.04
N UNK C 35 -1.97 -24.27 0.46
CA UNK C 35 -3.35 -24.00 0.79
C UNK C 35 -3.91 -22.83 -0.01
N TRP C 36 -5.22 -22.85 -0.19
CA TRP C 36 -5.96 -21.78 -0.81
C TRP C 36 -6.83 -21.11 0.24
N UNK C 37 -6.84 -19.78 0.23
CA UNK C 37 -7.74 -19.01 1.06
C UNK C 37 -8.48 -18.03 0.17
N ARG C 38 -9.56 -17.46 0.67
CA ARG C 38 -10.23 -16.43 -0.09
C ARG C 38 -10.72 -15.32 0.83
N GLN C 39 -10.87 -14.13 0.24
CA GLN C 39 -11.24 -12.94 0.97
C GLN C 39 -12.26 -12.18 0.15
N UNK C 40 -13.53 -12.31 0.52
CA UNK C 40 -14.57 -11.48 -0.06
C UNK C 40 -14.44 -10.05 0.45
N PRO C 41 -14.93 -9.06 -0.31
CA PRO C 41 -14.75 -7.66 0.12
C PRO C 41 -15.28 -7.43 1.52
N GLY C 42 -14.45 -6.77 2.33
CA GLY C 42 -14.81 -6.45 3.69
C GLY C 42 -14.72 -7.57 4.69
N UNK C 43 -14.37 -8.79 4.28
CA UNK C 43 -14.32 -9.91 5.19
C UNK C 43 -12.87 -10.32 5.45
N UNK C 44 -12.70 -11.22 6.42
CA UNK C 44 -11.37 -11.75 6.67
C UNK C 44 -11.07 -12.87 5.69
N ARG C 45 -9.78 -13.21 5.58
CA ARG C 45 -9.38 -14.34 4.75
C ARG C 45 -9.89 -15.62 5.39
N GLU C 46 -10.53 -16.46 4.58
CA GLU C 46 -11.14 -17.69 5.03
C GLU C 46 -10.52 -18.86 4.30
N UNK C 47 -10.27 -19.94 5.02
CA UNK C 47 -9.73 -21.15 4.42
C UNK C 47 -10.68 -21.70 3.36
N VAL C 48 -10.08 -22.24 2.29
CA VAL C 48 -10.79 -22.89 1.20
C VAL C 48 -10.34 -24.33 1.08
N UNK C 49 -9.04 -24.56 0.91
CA UNK C 49 -8.60 -25.95 0.77
C UNK C 49 -7.10 -26.07 0.98
N UNK C 50 -6.65 -27.27 1.35
CA UNK C 50 -5.22 -27.54 1.41
C UNK C 50 -4.91 -28.85 0.71
N UNK C 51 -3.87 -28.84 -0.13
CA UNK C 51 -3.28 -30.05 -0.67
C UNK C 51 -2.02 -30.34 0.13
N UNK C 52 -2.03 -31.43 0.90
CA UNK C 52 -0.82 -31.83 1.59
C UNK C 52 0.13 -32.50 0.60
N UNK C 53 1.24 -33.05 1.08
CA UNK C 53 2.12 -33.78 0.18
C UNK C 53 1.34 -34.90 -0.50
N UNK C 54 1.74 -35.27 -1.72
CA UNK C 54 1.05 -36.33 -2.43
C UNK C 54 0.93 -37.58 -1.55
N UNK C 55 -0.30 -38.09 -1.46
CA UNK C 55 -0.73 -39.25 -0.68
C UNK C 55 -1.07 -38.88 0.76
N UNK C 56 -0.88 -37.63 1.19
CA UNK C 56 -1.28 -37.18 2.52
C UNK C 56 -2.63 -36.48 2.54
N UNK C 57 -3.28 -36.38 1.38
CA UNK C 57 -4.68 -35.99 1.22
C UNK C 57 -4.90 -34.50 1.02
N UNK C 58 -6.13 -34.16 0.70
CA UNK C 58 -6.60 -32.80 0.57
C UNK C 58 -7.73 -32.60 1.57
N UNK C 59 -7.80 -31.42 2.16
CA UNK C 59 -8.86 -31.07 3.10
C UNK C 59 -9.52 -29.78 2.65
N UNK C 60 -10.82 -29.67 2.94
CA UNK C 60 -11.63 -28.60 2.38
C UNK C 60 -12.51 -27.92 3.43
N UNK C 61 -12.85 -26.66 3.17
CA UNK C 61 -13.83 -25.95 3.98
C UNK C 61 -15.26 -26.40 3.62
N ASP C 62 -16.17 -26.27 4.60
CA ASP C 62 -17.58 -26.58 4.37
C ASP C 62 -18.14 -25.85 3.15
N SER C 63 -17.74 -24.60 2.96
CA SER C 63 -18.35 -23.74 1.94
C SER C 63 -18.02 -24.16 0.52
N UNK C 64 -16.99 -24.98 0.31
CA UNK C 64 -16.62 -25.40 -1.02
C UNK C 64 -16.67 -26.90 -1.21
N UNK C 65 -17.10 -27.65 -0.19
CA UNK C 65 -17.10 -29.11 -0.28
C UNK C 65 -17.98 -29.57 -1.42
N GLY C 66 -17.45 -30.50 -2.21
CA GLY C 66 -18.20 -31.06 -3.32
C GLY C 66 -18.22 -30.19 -4.55
N ARG C 67 -17.50 -29.06 -4.54
CA ARG C 67 -17.51 -28.16 -5.67
C ARG C 67 -16.09 -27.78 -6.11
N PHE C 68 -15.20 -27.50 -5.15
CA PHE C 68 -13.82 -27.17 -5.47
C PHE C 68 -12.92 -28.34 -5.13
N THR C 69 -11.82 -28.45 -5.86
CA THR C 69 -10.87 -29.54 -5.70
C THR C 69 -9.47 -28.99 -5.85
N UNK C 70 -8.60 -29.30 -4.89
CA UNK C 70 -7.21 -28.90 -4.99
C UNK C 70 -6.40 -30.06 -5.57
N SER C 71 -5.38 -29.73 -6.37
CA SER C 71 -4.49 -30.72 -6.93
C SER C 71 -3.11 -30.08 -7.08
N UNK C 72 -2.13 -30.92 -7.38
CA UNK C 72 -0.74 -30.50 -7.42
C UNK C 72 -0.08 -30.99 -8.69
N ASP C 73 0.83 -30.17 -9.22
CA ASP C 73 1.78 -30.59 -10.26
C ASP C 73 3.15 -30.28 -9.68
N UNK C 74 3.67 -31.20 -8.86
CA UNK C 74 4.95 -30.98 -8.20
C UNK C 74 6.06 -30.74 -9.20
N UNK C 75 5.98 -31.39 -10.37
CA UNK C 75 7.06 -31.25 -11.34
C UNK C 75 7.19 -29.82 -11.84
N UNK C 76 6.07 -29.10 -11.87
CA UNK C 76 6.05 -27.70 -12.27
C UNK C 76 5.95 -26.77 -11.08
N UNK C 77 6.12 -27.31 -9.87
CA UNK C 77 6.07 -26.54 -8.62
C UNK C 77 4.79 -25.69 -8.56
N UNK C 78 3.67 -26.29 -8.95
CA UNK C 78 2.42 -25.55 -9.02
C UNK C 78 1.30 -26.35 -8.39
N UNK C 79 0.40 -25.64 -7.69
CA UNK C 79 -0.84 -26.21 -7.17
C UNK C 79 -2.03 -25.52 -7.82
N UNK C 80 -3.17 -26.21 -7.85
CA UNK C 80 -4.34 -25.71 -8.54
C UNK C 80 -5.56 -25.78 -7.66
N LEU C 81 -6.54 -24.92 -7.95
CA LEU C 81 -7.86 -24.97 -7.32
C LEU C 81 -8.88 -25.08 -8.45
N GLN C 82 -9.36 -26.29 -8.73
CA GLN C 82 -10.44 -26.46 -9.71
C GLN C 82 -11.75 -26.05 -9.04
N UNK C 83 -12.44 -25.07 -9.63
CA UNK C 83 -13.67 -24.50 -9.07
C UNK C 83 -14.83 -24.77 -10.01
N UNK C 84 -15.72 -25.68 -9.62
CA UNK C 84 -16.92 -25.98 -10.38
C UNK C 84 -18.16 -25.46 -9.65
N UNK C 85 -19.27 -25.41 -10.39
CA UNK C 85 -20.59 -25.05 -9.85
C UNK C 85 -20.52 -23.75 -9.07
N LEU C 86 -19.90 -22.74 -9.69
CA LEU C 86 -19.62 -21.49 -9.01
C LEU C 86 -20.90 -20.71 -8.76
N UNK C 87 -20.92 -20.00 -7.63
CA UNK C 87 -22.04 -19.19 -7.24
C UNK C 87 -21.54 -17.78 -6.95
N UNK C 88 -22.49 -16.84 -6.94
CA UNK C 88 -22.17 -15.44 -6.71
C UNK C 88 -21.38 -15.28 -5.42
N UNK C 89 -21.76 -16.05 -4.39
CA UNK C 89 -21.09 -15.97 -3.10
C UNK C 89 -19.62 -16.38 -3.15
N ASP C 90 -19.18 -17.03 -4.23
CA ASP C 90 -17.77 -17.39 -4.36
C ASP C 90 -16.91 -16.23 -4.82
N UNK C 91 -17.51 -15.08 -5.12
CA UNK C 91 -16.76 -13.94 -5.62
C UNK C 91 -15.85 -13.44 -4.53
N ALA C 92 -14.55 -13.35 -4.83
CA ALA C 92 -13.57 -13.04 -3.79
C ALA C 92 -12.18 -12.98 -4.43
N UNK C 93 -11.23 -12.46 -3.67
CA UNK C 93 -9.83 -12.58 -4.03
C UNK C 93 -9.32 -13.89 -3.45
N TYR C 94 -8.76 -14.75 -4.30
CA TYR C 94 -8.27 -16.05 -3.87
C TYR C 94 -6.76 -16.00 -3.73
N TYR C 95 -6.27 -16.48 -2.59
CA TYR C 95 -4.86 -16.45 -2.26
C TYR C 95 -4.36 -17.86 -2.05
N CYS C 96 -3.11 -18.09 -2.44
CA CYS C 96 -2.46 -19.34 -2.12
C CYS C 96 -1.30 -19.10 -1.19
N UNK C 97 -0.95 -20.13 -0.43
CA UNK C 97 0.09 -20.01 0.58
C UNK C 97 0.76 -21.36 0.75
N UNK C 98 2.06 -21.31 1.08
CA UNK C 98 2.83 -22.51 1.39
C UNK C 98 2.85 -22.67 2.91
N UNK C 99 2.60 -23.89 3.38
CA UNK C 99 2.81 -24.21 4.79
C UNK C 99 4.26 -24.64 4.95
N UNK C 100 5.09 -23.80 5.57
CA UNK C 100 6.50 -24.11 5.72
C UNK C 100 6.76 -25.24 6.70
N UNK C 101 5.77 -25.62 7.51
CA UNK C 101 5.91 -26.72 8.46
C UNK C 101 5.59 -28.03 7.75
N UNK C 102 6.61 -28.87 7.58
CA UNK C 102 6.37 -30.18 6.96
C UNK C 102 5.47 -31.05 7.82
N UNK C 103 5.33 -30.74 9.10
CA UNK C 103 4.40 -31.45 9.96
C UNK C 103 2.98 -30.88 9.91
N UNK C 104 2.73 -29.91 9.02
CA UNK C 104 1.39 -29.47 8.64
C UNK C 104 0.69 -28.63 9.72
N UNK C 105 1.43 -27.93 10.58
CA UNK C 105 0.81 -27.02 11.53
C UNK C 105 0.36 -25.70 10.93
N UNK C 106 0.61 -25.48 9.62
CA UNK C 106 0.31 -24.26 8.87
C UNK C 106 1.11 -23.03 9.22
N UNK C 107 2.42 -23.11 9.04
CA UNK C 107 3.24 -21.90 9.13
C UNK C 107 3.25 -21.30 7.73
N UNK C 108 2.24 -20.47 7.46
CA UNK C 108 2.04 -19.90 6.12
C UNK C 108 2.97 -18.68 6.01
N UNK C 109 4.20 -18.95 5.58
CA UNK C 109 5.22 -17.90 5.55
C UNK C 109 5.18 -17.12 4.24
N UNK C 110 4.81 -17.77 3.14
CA UNK C 110 4.80 -17.13 1.84
C UNK C 110 3.39 -17.18 1.27
N TRP C 111 2.97 -16.06 0.69
CA TRP C 111 1.64 -15.90 0.12
C TRP C 111 1.73 -15.38 -1.31
N GLY C 112 0.78 -15.83 -2.15
CA GLY C 112 0.60 -15.23 -3.45
C GLY C 112 -0.09 -13.88 -3.37
N UNK C 113 -0.10 -13.19 -4.53
CA UNK C 113 -0.58 -11.81 -4.59
C UNK C 113 -2.09 -11.73 -4.69
N GLY C 114 -2.76 -12.85 -4.91
CA GLY C 114 -4.20 -12.89 -5.00
C GLY C 114 -4.66 -12.77 -6.44
N THR C 115 -5.74 -13.48 -6.77
CA THR C 115 -6.37 -13.33 -8.07
C THR C 115 -7.87 -13.24 -7.86
N UNK C 116 -8.50 -12.33 -8.58
CA UNK C 116 -9.93 -12.06 -8.38
C UNK C 116 -10.77 -13.05 -9.17
N VAL C 117 -11.78 -13.60 -8.51
CA VAL C 117 -12.79 -14.44 -9.15
C VAL C 117 -14.13 -13.75 -8.94
N THR C 118 -14.84 -13.46 -10.02
CA THR C 118 -16.14 -12.83 -9.96
C THR C 118 -17.17 -13.73 -10.63
N VAL C 119 -18.21 -14.08 -9.91
CA VAL C 119 -19.28 -14.95 -10.42
C VAL C 119 -20.54 -14.11 -10.52
N SER C 120 -20.98 -13.85 -11.75
CA SER C 120 -22.12 -12.95 -11.94
C SER C 120 -22.84 -13.29 -13.24
N SER C 121 -24.17 -13.08 -13.22
CA SER C 121 -25.10 -13.33 -14.32
C SER C 121 -24.72 -14.48 -15.26
N ALA D 2 -31.44 21.33 0.66
CA ALA D 2 -30.01 21.50 0.41
C ALA D 2 -29.18 20.88 1.54
N ASN D 3 -29.53 19.65 1.92
CA ASN D 3 -28.85 18.94 3.00
C ASN D 3 -28.20 17.69 2.45
N PRO D 4 -26.86 17.59 2.45
CA PRO D 4 -26.19 16.44 1.86
C PRO D 4 -26.24 15.17 2.71
N ASN D 5 -26.80 15.21 3.91
CA ASN D 5 -26.79 14.05 4.81
C ASN D 5 -28.16 13.39 4.92
N VAL D 6 -29.14 13.79 4.12
CA VAL D 6 -30.40 13.06 4.08
C VAL D 6 -30.14 11.69 3.44
N ASP D 7 -30.92 10.68 3.84
CA ASP D 7 -30.74 9.33 3.32
C ASP D 7 -30.77 9.33 1.79
N PRO D 8 -29.67 8.97 1.13
CA PRO D 8 -29.62 8.97 -0.34
C PRO D 8 -29.99 7.64 -0.99
N ASN D 9 -30.50 6.68 -0.24
CA ASN D 9 -30.81 5.36 -0.76
C ASN D 9 -32.31 5.19 -0.98
N ALA D 10 -32.67 4.15 -1.75
CA ALA D 10 -34.06 3.80 -1.93
C ALA D 10 -34.65 3.30 -0.62
N ASN D 11 -35.95 3.44 -0.49
CA ASN D 11 -36.69 3.04 0.71
C ASN D 11 -36.09 3.66 1.98
N PRO D 12 -36.03 5.00 2.07
CA PRO D 12 -35.53 5.62 3.31
C PRO D 12 -36.47 5.36 4.47
#